data_6BI5
#
_entry.id   6BI5
#
_entity_poly.entity_id   1
_entity_poly.type   'polypeptide(L)'
_entity_poly.pdbx_seq_one_letter_code
;GMACQFWSCNSSCISRGYRQGKCWGKYCQCY
;
_entity_poly.pdbx_strand_id   A
#
# COMPACT_ATOMS: atom_id res chain seq x y z
N GLY A 1 9.54 1.17 -12.05
CA GLY A 1 8.91 -0.03 -11.50
C GLY A 1 8.06 0.35 -10.30
N MET A 2 8.15 -0.45 -9.23
CA MET A 2 7.57 -0.13 -7.91
C MET A 2 8.20 -1.00 -6.81
N ALA A 3 8.47 -0.41 -5.65
CA ALA A 3 9.11 -1.05 -4.50
C ALA A 3 8.18 -1.98 -3.69
N CYS A 4 6.86 -1.79 -3.82
CA CYS A 4 5.80 -2.57 -3.21
C CYS A 4 4.64 -2.65 -4.24
N GLN A 5 4.09 -3.84 -4.39
CA GLN A 5 3.15 -4.19 -5.45
C GLN A 5 1.81 -3.46 -5.36
N PHE A 6 1.44 -2.72 -6.41
CA PHE A 6 0.21 -1.91 -6.51
C PHE A 6 -1.05 -2.71 -6.20
N TRP A 7 -1.21 -3.86 -6.86
CA TRP A 7 -2.36 -4.78 -6.73
C TRP A 7 -2.49 -5.45 -5.34
N SER A 8 -1.45 -5.33 -4.51
CA SER A 8 -1.47 -5.71 -3.10
C SER A 8 -1.68 -4.48 -2.21
N CYS A 9 -0.84 -3.44 -2.31
CA CYS A 9 -0.81 -2.32 -1.37
C CYS A 9 -2.08 -1.45 -1.45
N ASN A 10 -2.58 -1.09 -2.64
CA ASN A 10 -3.85 -0.41 -2.80
C ASN A 10 -5.03 -1.27 -2.30
N SER A 11 -5.10 -2.53 -2.76
CA SER A 11 -6.23 -3.43 -2.45
C SER A 11 -6.27 -3.84 -0.97
N SER A 12 -5.12 -3.83 -0.27
CA SER A 12 -5.01 -3.96 1.18
C SER A 12 -5.51 -2.71 1.90
N CYS A 13 -4.88 -1.56 1.65
CA CYS A 13 -5.16 -0.33 2.38
C CYS A 13 -6.61 0.16 2.23
N ILE A 14 -7.18 0.06 1.03
CA ILE A 14 -8.57 0.47 0.77
C ILE A 14 -9.56 -0.49 1.45
N SER A 15 -9.27 -1.79 1.52
CA SER A 15 -10.04 -2.77 2.30
C SER A 15 -10.02 -2.47 3.81
N ARG A 16 -8.84 -2.12 4.36
CA ARG A 16 -8.69 -1.66 5.75
C ARG A 16 -9.38 -0.31 6.02
N GLY A 17 -9.58 0.53 5.00
CA GLY A 17 -10.44 1.73 5.05
C GLY A 17 -9.84 3.04 4.50
N TYR A 18 -8.57 3.01 4.08
CA TYR A 18 -7.79 4.19 3.68
C TYR A 18 -8.10 4.65 2.24
N ARG A 19 -7.62 5.85 1.87
CA ARG A 19 -7.75 6.37 0.50
C ARG A 19 -6.74 5.72 -0.45
N GLN A 20 -5.52 5.44 0.04
CA GLN A 20 -4.41 4.94 -0.78
C GLN A 20 -3.38 4.15 0.04
N GLY A 21 -2.60 3.30 -0.63
CA GLY A 21 -1.42 2.62 -0.08
C GLY A 21 -0.19 2.90 -0.93
N LYS A 22 0.93 3.33 -0.32
CA LYS A 22 2.16 3.72 -1.04
C LYS A 22 3.43 3.22 -0.33
N CYS A 23 4.49 3.10 -1.11
CA CYS A 23 5.81 2.63 -0.71
C CYS A 23 6.71 3.81 -0.29
N TRP A 24 7.67 3.57 0.61
CA TRP A 24 8.51 4.61 1.22
C TRP A 24 9.97 4.16 1.46
N GLY A 25 10.41 3.06 0.84
CA GLY A 25 11.70 2.42 1.12
C GLY A 25 11.76 1.63 2.44
N LYS A 26 10.61 1.43 3.10
CA LYS A 26 10.48 0.79 4.41
C LYS A 26 9.30 -0.19 4.55
N TYR A 27 8.07 0.19 4.16
CA TYR A 27 6.86 -0.64 4.25
C TYR A 27 5.70 -0.02 3.44
N CYS A 28 4.69 -0.80 3.05
CA CYS A 28 3.42 -0.31 2.50
C CYS A 28 2.60 0.40 3.58
N GLN A 29 2.88 1.70 3.78
CA GLN A 29 2.12 2.57 4.70
C GLN A 29 0.81 3.05 4.06
N CYS A 30 -0.33 2.66 4.64
CA CYS A 30 -1.66 3.15 4.26
C CYS A 30 -1.90 4.60 4.74
N TYR A 31 -2.63 5.42 3.98
CA TYR A 31 -2.91 6.82 4.33
C TYR A 31 -4.18 7.42 3.73
N GLY A 1 15.93 -7.11 -2.46
CA GLY A 1 14.94 -6.96 -1.37
C GLY A 1 13.61 -6.41 -1.88
N MET A 2 12.67 -6.17 -0.97
CA MET A 2 11.28 -5.75 -1.23
C MET A 2 10.68 -5.01 -0.02
N ALA A 3 9.70 -4.13 -0.25
CA ALA A 3 8.92 -3.45 0.81
C ALA A 3 7.52 -2.96 0.38
N CYS A 4 7.19 -2.90 -0.92
CA CYS A 4 5.91 -2.33 -1.38
C CYS A 4 5.40 -2.99 -2.68
N GLN A 5 4.50 -3.97 -2.52
CA GLN A 5 3.72 -4.59 -3.60
C GLN A 5 2.52 -3.70 -3.99
N PHE A 6 2.76 -2.41 -4.29
CA PHE A 6 1.72 -1.37 -4.47
C PHE A 6 0.49 -1.82 -5.28
N TRP A 7 0.72 -2.54 -6.38
CA TRP A 7 -0.30 -2.89 -7.37
C TRP A 7 -1.39 -3.80 -6.81
N SER A 8 -1.01 -4.75 -5.91
CA SER A 8 -1.92 -5.57 -5.12
C SER A 8 -2.25 -4.91 -3.77
N CYS A 9 -1.31 -4.24 -3.15
CA CYS A 9 -1.46 -3.63 -1.83
C CYS A 9 -2.57 -2.56 -1.78
N ASN A 10 -2.89 -1.90 -2.91
CA ASN A 10 -4.07 -1.05 -3.04
C ASN A 10 -5.35 -1.72 -2.52
N SER A 11 -5.56 -3.02 -2.80
CA SER A 11 -6.68 -3.79 -2.26
C SER A 11 -6.65 -3.84 -0.72
N SER A 12 -5.48 -4.06 -0.12
CA SER A 12 -5.30 -4.09 1.33
C SER A 12 -5.53 -2.71 1.96
N CYS A 13 -5.00 -1.64 1.37
CA CYS A 13 -5.23 -0.26 1.81
C CYS A 13 -6.72 0.09 1.82
N ILE A 14 -7.43 -0.18 0.71
CA ILE A 14 -8.88 0.06 0.59
C ILE A 14 -9.64 -0.76 1.64
N SER A 15 -9.28 -2.04 1.83
CA SER A 15 -9.95 -2.94 2.78
C SER A 15 -9.79 -2.45 4.23
N ARG A 16 -8.56 -2.18 4.66
CA ARG A 16 -8.23 -1.74 6.04
C ARG A 16 -8.65 -0.30 6.39
N GLY A 17 -9.12 0.48 5.41
CA GLY A 17 -9.79 1.77 5.63
C GLY A 17 -9.01 3.04 5.24
N TYR A 18 -8.05 2.92 4.33
CA TYR A 18 -7.16 4.00 3.84
C TYR A 18 -7.58 4.50 2.45
N ARG A 19 -7.12 5.69 2.04
CA ARG A 19 -7.47 6.28 0.73
C ARG A 19 -6.45 5.95 -0.38
N GLN A 20 -5.15 5.98 -0.07
CA GLN A 20 -4.07 5.91 -1.05
C GLN A 20 -2.96 4.91 -0.68
N GLY A 21 -2.47 4.13 -1.66
CA GLY A 21 -1.42 3.11 -1.51
C GLY A 21 0.02 3.62 -1.57
N LYS A 22 0.32 4.81 -1.03
CA LYS A 22 1.70 5.33 -0.95
C LYS A 22 2.54 4.57 0.08
N CYS A 23 3.85 4.54 -0.14
CA CYS A 23 4.84 3.77 0.60
C CYS A 23 6.23 4.39 0.41
N TRP A 24 7.15 4.26 1.37
CA TRP A 24 8.44 4.99 1.33
C TRP A 24 9.65 4.06 1.51
N GLY A 25 9.73 2.99 0.71
CA GLY A 25 10.83 1.99 0.75
C GLY A 25 10.92 1.12 2.02
N LYS A 26 10.20 1.50 3.07
CA LYS A 26 10.12 0.87 4.41
C LYS A 26 9.00 -0.19 4.51
N TYR A 27 7.78 0.13 4.08
CA TYR A 27 6.64 -0.80 3.99
C TYR A 27 5.49 -0.19 3.17
N CYS A 28 4.50 -0.98 2.73
CA CYS A 28 3.25 -0.49 2.14
C CYS A 28 2.34 0.16 3.21
N GLN A 29 2.66 1.39 3.59
CA GLN A 29 2.09 2.11 4.74
C GLN A 29 0.60 2.45 4.63
N CYS A 30 0.09 2.81 3.44
CA CYS A 30 -1.24 3.30 3.14
C CYS A 30 -1.63 4.62 3.86
N TYR A 31 -2.46 5.46 3.21
CA TYR A 31 -2.91 6.79 3.71
C TYR A 31 -4.36 7.08 3.29
N GLY A 1 11.37 -5.11 -10.41
CA GLY A 1 11.23 -5.65 -9.05
C GLY A 1 11.31 -4.56 -7.98
N MET A 2 10.59 -4.73 -6.87
CA MET A 2 10.69 -3.92 -5.64
C MET A 2 10.11 -4.68 -4.42
N ALA A 3 10.54 -4.33 -3.22
CA ALA A 3 10.08 -4.89 -1.94
C ALA A 3 8.71 -4.36 -1.45
N CYS A 4 7.85 -3.88 -2.38
CA CYS A 4 6.55 -3.29 -2.11
C CYS A 4 5.49 -3.91 -3.02
N GLN A 5 4.44 -4.45 -2.40
CA GLN A 5 3.20 -4.91 -3.03
C GLN A 5 2.34 -3.71 -3.51
N PHE A 6 2.91 -2.89 -4.40
CA PHE A 6 2.44 -1.57 -4.83
C PHE A 6 0.99 -1.52 -5.34
N TRP A 7 0.45 -2.64 -5.84
CA TRP A 7 -0.94 -2.77 -6.24
C TRP A 7 -1.78 -3.43 -5.14
N SER A 8 -1.49 -4.69 -4.79
CA SER A 8 -2.39 -5.48 -3.92
C SER A 8 -2.40 -5.07 -2.46
N CYS A 9 -1.27 -4.59 -1.89
CA CYS A 9 -1.30 -4.05 -0.54
C CYS A 9 -2.06 -2.71 -0.49
N ASN A 10 -2.01 -1.91 -1.57
CA ASN A 10 -2.79 -0.69 -1.70
C ASN A 10 -4.29 -1.03 -1.77
N SER A 11 -4.69 -2.04 -2.56
CA SER A 11 -6.08 -2.49 -2.66
C SER A 11 -6.57 -3.15 -1.36
N SER A 12 -5.70 -3.83 -0.62
CA SER A 12 -5.99 -4.36 0.72
C SER A 12 -6.28 -3.21 1.69
N CYS A 13 -5.43 -2.19 1.75
CA CYS A 13 -5.63 -0.99 2.55
C CYS A 13 -6.93 -0.23 2.19
N ILE A 14 -7.21 -0.06 0.89
CA ILE A 14 -8.44 0.56 0.37
C ILE A 14 -9.70 -0.25 0.75
N SER A 15 -9.59 -1.58 0.82
CA SER A 15 -10.65 -2.47 1.32
C SER A 15 -10.84 -2.30 2.84
N ARG A 16 -9.74 -2.31 3.61
CA ARG A 16 -9.70 -2.23 5.08
C ARG A 16 -10.32 -0.93 5.62
N GLY A 17 -9.97 0.21 5.02
CA GLY A 17 -10.56 1.52 5.38
C GLY A 17 -9.67 2.74 5.16
N TYR A 18 -8.39 2.55 4.84
CA TYR A 18 -7.49 3.63 4.41
C TYR A 18 -7.95 4.19 3.05
N ARG A 19 -7.61 5.44 2.72
CA ARG A 19 -7.83 6.01 1.38
C ARG A 19 -6.61 5.80 0.47
N GLN A 20 -5.40 5.88 1.05
CA GLN A 20 -4.09 5.79 0.38
C GLN A 20 -3.36 4.48 0.66
N GLY A 21 -2.42 4.12 -0.22
CA GLY A 21 -1.44 3.03 -0.09
C GLY A 21 -0.15 3.34 -0.87
N LYS A 22 0.57 4.38 -0.44
CA LYS A 22 1.83 4.86 -1.04
C LYS A 22 3.03 4.00 -0.62
N CYS A 23 4.09 3.92 -1.42
CA CYS A 23 5.35 3.32 -0.98
C CYS A 23 6.61 3.86 -1.70
N TRP A 24 7.67 4.07 -0.91
CA TRP A 24 9.03 4.40 -1.34
C TRP A 24 9.85 3.13 -1.63
N GLY A 25 9.22 2.13 -2.24
CA GLY A 25 9.78 0.80 -2.50
C GLY A 25 10.03 -0.09 -1.29
N LYS A 26 9.96 0.46 -0.05
CA LYS A 26 10.32 -0.24 1.20
C LYS A 26 9.14 -0.64 2.09
N TYR A 27 8.11 0.21 2.23
CA TYR A 27 7.00 -0.01 3.17
C TYR A 27 5.66 0.42 2.58
N CYS A 28 4.63 -0.41 2.78
CA CYS A 28 3.27 -0.15 2.30
C CYS A 28 2.54 0.90 3.16
N GLN A 29 3.02 2.15 3.11
CA GLN A 29 2.48 3.30 3.86
C GLN A 29 1.04 3.70 3.46
N CYS A 30 0.06 3.24 4.26
CA CYS A 30 -1.37 3.46 4.04
C CYS A 30 -1.98 4.49 5.01
N TYR A 31 -2.90 5.33 4.49
CA TYR A 31 -3.53 6.46 5.21
C TYR A 31 -5.02 6.60 4.89
N GLY A 1 11.29 -4.24 -11.77
CA GLY A 1 10.20 -3.27 -11.56
C GLY A 1 10.28 -2.65 -10.17
N MET A 2 9.20 -2.00 -9.73
CA MET A 2 9.10 -1.27 -8.46
C MET A 2 9.46 -2.12 -7.24
N ALA A 3 10.12 -1.53 -6.24
CA ALA A 3 10.61 -2.22 -5.03
C ALA A 3 9.53 -2.60 -3.98
N CYS A 4 8.24 -2.53 -4.35
CA CYS A 4 7.07 -2.67 -3.50
C CYS A 4 5.93 -3.28 -4.33
N GLN A 5 5.16 -4.15 -3.70
CA GLN A 5 3.90 -4.70 -4.16
C GLN A 5 2.75 -3.66 -4.08
N PHE A 6 2.88 -2.57 -4.83
CA PHE A 6 1.92 -1.46 -4.80
C PHE A 6 0.47 -1.88 -5.10
N TRP A 7 0.28 -2.89 -5.94
CA TRP A 7 -1.03 -3.39 -6.37
C TRP A 7 -1.77 -4.11 -5.22
N SER A 8 -1.02 -4.89 -4.45
CA SER A 8 -1.45 -5.56 -3.22
C SER A 8 -1.63 -4.57 -2.08
N CYS A 9 -0.69 -3.63 -1.91
CA CYS A 9 -0.77 -2.54 -0.93
C CYS A 9 -2.04 -1.69 -1.13
N ASN A 10 -2.41 -1.37 -2.38
CA ASN A 10 -3.69 -0.77 -2.72
C ASN A 10 -4.86 -1.68 -2.32
N SER A 11 -4.95 -2.93 -2.79
CA SER A 11 -6.13 -3.78 -2.52
C SER A 11 -6.33 -4.03 -1.01
N SER A 12 -5.24 -4.18 -0.27
CA SER A 12 -5.20 -4.25 1.20
C SER A 12 -5.81 -3.00 1.84
N CYS A 13 -5.22 -1.83 1.59
CA CYS A 13 -5.65 -0.59 2.24
C CYS A 13 -7.00 -0.06 1.72
N ILE A 14 -7.42 -0.43 0.52
CA ILE A 14 -8.77 -0.18 -0.01
C ILE A 14 -9.80 -1.04 0.74
N SER A 15 -9.53 -2.33 0.91
CA SER A 15 -10.42 -3.26 1.62
C SER A 15 -10.60 -2.86 3.10
N ARG A 16 -9.51 -2.47 3.79
CA ARG A 16 -9.54 -1.96 5.17
C ARG A 16 -10.17 -0.56 5.34
N GLY A 17 -10.12 0.30 4.32
CA GLY A 17 -10.81 1.61 4.35
C GLY A 17 -9.93 2.79 4.81
N TYR A 18 -8.63 2.72 4.55
CA TYR A 18 -7.71 3.85 4.76
C TYR A 18 -8.08 5.05 3.87
N ARG A 19 -7.56 6.25 4.18
CA ARG A 19 -7.77 7.47 3.37
C ARG A 19 -7.07 7.40 2.00
N GLN A 20 -5.85 6.85 2.00
CA GLN A 20 -5.00 6.62 0.83
C GLN A 20 -3.98 5.51 1.13
N GLY A 21 -3.67 4.64 0.16
CA GLY A 21 -2.57 3.68 0.24
C GLY A 21 -1.35 4.09 -0.57
N LYS A 22 -0.17 4.08 0.07
CA LYS A 22 1.15 4.34 -0.55
C LYS A 22 2.23 3.46 0.07
N CYS A 23 3.31 3.22 -0.68
CA CYS A 23 4.55 2.61 -0.19
C CYS A 23 5.79 3.41 -0.67
N TRP A 24 6.92 3.22 -0.01
CA TRP A 24 8.10 4.10 -0.17
C TRP A 24 9.46 3.37 -0.15
N GLY A 25 9.53 2.17 -0.72
CA GLY A 25 10.75 1.34 -0.71
C GLY A 25 11.16 0.87 0.69
N LYS A 26 10.20 0.77 1.63
CA LYS A 26 10.39 0.39 3.04
C LYS A 26 9.18 -0.32 3.63
N TYR A 27 7.98 0.29 3.55
CA TYR A 27 6.71 -0.19 4.11
C TYR A 27 5.50 0.38 3.34
N CYS A 28 4.38 -0.34 3.36
CA CYS A 28 3.06 0.07 2.88
C CYS A 28 2.37 1.04 3.88
N GLN A 29 2.92 2.25 3.97
CA GLN A 29 2.46 3.34 4.84
C GLN A 29 1.13 3.98 4.39
N CYS A 30 0.00 3.35 4.74
CA CYS A 30 -1.34 3.85 4.46
C CYS A 30 -1.86 4.90 5.49
N TYR A 31 -2.64 5.86 4.99
CA TYR A 31 -3.12 7.08 5.67
C TYR A 31 -4.39 6.89 6.51
N GLY A 1 10.58 -5.00 0.81
CA GLY A 1 9.28 -4.66 1.41
C GLY A 1 8.24 -5.70 1.04
N MET A 2 7.75 -6.45 2.02
CA MET A 2 6.72 -7.48 1.83
C MET A 2 5.41 -6.85 1.35
N ALA A 3 4.74 -7.48 0.37
CA ALA A 3 3.42 -7.09 -0.14
C ALA A 3 3.31 -5.61 -0.61
N CYS A 4 4.41 -5.01 -1.06
CA CYS A 4 4.51 -3.61 -1.46
C CYS A 4 4.04 -3.29 -2.88
N GLN A 5 3.75 -4.31 -3.67
CA GLN A 5 3.29 -4.19 -5.06
C GLN A 5 2.00 -3.38 -5.11
N PHE A 6 1.90 -2.42 -6.02
CA PHE A 6 0.84 -1.41 -6.06
C PHE A 6 -0.57 -2.01 -5.89
N TRP A 7 -0.90 -2.99 -6.72
CA TRP A 7 -2.21 -3.67 -6.78
C TRP A 7 -2.54 -4.52 -5.54
N SER A 8 -1.52 -4.88 -4.75
CA SER A 8 -1.63 -5.64 -3.50
C SER A 8 -1.74 -4.70 -2.28
N CYS A 9 -0.84 -3.71 -2.20
CA CYS A 9 -0.84 -2.68 -1.17
C CYS A 9 -2.14 -1.85 -1.19
N ASN A 10 -2.63 -1.47 -2.37
CA ASN A 10 -3.91 -0.83 -2.55
C ASN A 10 -5.07 -1.75 -2.11
N SER A 11 -5.11 -3.03 -2.51
CA SER A 11 -6.17 -3.97 -2.12
C SER A 11 -6.23 -4.18 -0.60
N SER A 12 -5.06 -4.21 0.06
CA SER A 12 -4.95 -4.24 1.52
C SER A 12 -5.53 -2.96 2.13
N CYS A 13 -5.01 -1.79 1.77
CA CYS A 13 -5.40 -0.53 2.40
C CYS A 13 -6.83 -0.06 2.08
N ILE A 14 -7.31 -0.23 0.84
CA ILE A 14 -8.68 0.13 0.41
C ILE A 14 -9.75 -0.74 1.11
N SER A 15 -9.41 -1.96 1.55
CA SER A 15 -10.27 -2.80 2.40
C SER A 15 -10.12 -2.53 3.90
N ARG A 16 -8.92 -2.19 4.40
CA ARG A 16 -8.70 -1.75 5.80
C ARG A 16 -9.35 -0.39 6.10
N GLY A 17 -9.34 0.54 5.14
CA GLY A 17 -10.10 1.79 5.19
C GLY A 17 -9.46 2.94 4.39
N TYR A 18 -8.12 2.97 4.34
CA TYR A 18 -7.31 4.01 3.72
C TYR A 18 -7.50 4.08 2.20
N ARG A 19 -7.91 5.24 1.67
CA ARG A 19 -8.10 5.48 0.23
C ARG A 19 -6.81 5.45 -0.60
N GLN A 20 -5.63 5.65 0.01
CA GLN A 20 -4.33 5.59 -0.67
C GLN A 20 -3.31 4.75 0.10
N GLY A 21 -2.49 3.97 -0.60
CA GLY A 21 -1.34 3.24 -0.06
C GLY A 21 -0.07 3.43 -0.92
N LYS A 22 1.08 3.64 -0.27
CA LYS A 22 2.36 3.98 -0.91
C LYS A 22 3.55 3.36 -0.17
N CYS A 23 4.11 2.30 -0.73
CA CYS A 23 5.39 1.72 -0.28
C CYS A 23 6.58 2.29 -1.04
N TRP A 24 7.68 2.54 -0.32
CA TRP A 24 8.94 3.07 -0.82
C TRP A 24 10.08 2.05 -0.63
N GLY A 25 9.84 0.80 -1.03
CA GLY A 25 10.73 -0.35 -0.79
C GLY A 25 10.74 -0.91 0.64
N LYS A 26 10.23 -0.15 1.62
CA LYS A 26 10.22 -0.53 3.05
C LYS A 26 8.92 -1.24 3.45
N TYR A 27 7.77 -0.56 3.35
CA TYR A 27 6.47 -1.08 3.81
C TYR A 27 5.28 -0.30 3.21
N CYS A 28 4.13 -0.96 3.02
CA CYS A 28 2.86 -0.39 2.57
C CYS A 28 2.23 0.56 3.63
N GLN A 29 2.82 1.75 3.80
CA GLN A 29 2.23 2.84 4.59
C GLN A 29 1.06 3.51 3.83
N CYS A 30 0.01 3.94 4.55
CA CYS A 30 -1.26 4.37 3.94
C CYS A 30 -1.89 5.63 4.59
N TYR A 31 -2.88 6.22 3.91
CA TYR A 31 -3.45 7.56 4.21
C TYR A 31 -4.99 7.61 4.17
N GLY A 1 13.80 -5.04 -9.23
CA GLY A 1 12.42 -4.52 -9.28
C GLY A 1 11.97 -3.98 -7.93
N MET A 2 10.66 -3.75 -7.78
CA MET A 2 9.99 -3.30 -6.56
C MET A 2 9.16 -4.44 -5.91
N ALA A 3 8.87 -4.33 -4.62
CA ALA A 3 8.16 -5.35 -3.83
C ALA A 3 6.71 -4.97 -3.45
N CYS A 4 6.32 -3.69 -3.50
CA CYS A 4 5.01 -3.19 -3.07
C CYS A 4 4.16 -2.66 -4.24
N GLN A 5 3.78 -3.57 -5.15
CA GLN A 5 2.95 -3.29 -6.34
C GLN A 5 1.65 -2.54 -5.99
N PHE A 6 1.28 -1.58 -6.85
CA PHE A 6 0.24 -0.58 -6.59
C PHE A 6 -1.08 -1.18 -6.10
N TRP A 7 -1.65 -2.09 -6.88
CA TRP A 7 -2.96 -2.70 -6.62
C TRP A 7 -2.98 -3.57 -5.37
N SER A 8 -1.90 -4.32 -5.10
CA SER A 8 -1.80 -5.20 -3.92
C SER A 8 -1.67 -4.41 -2.62
N CYS A 9 -0.82 -3.37 -2.61
CA CYS A 9 -0.71 -2.43 -1.50
C CYS A 9 -2.03 -1.69 -1.24
N ASN A 10 -2.68 -1.18 -2.30
CA ASN A 10 -3.97 -0.52 -2.19
C ASN A 10 -5.09 -1.46 -1.74
N SER A 11 -5.06 -2.76 -2.11
CA SER A 11 -6.08 -3.73 -1.72
C SER A 11 -6.09 -3.93 -0.19
N SER A 12 -4.90 -4.02 0.42
CA SER A 12 -4.73 -4.02 1.88
C SER A 12 -5.24 -2.71 2.52
N CYS A 13 -4.86 -1.56 1.95
CA CYS A 13 -5.31 -0.25 2.41
C CYS A 13 -6.86 -0.10 2.38
N ILE A 14 -7.51 -0.45 1.27
CA ILE A 14 -8.96 -0.38 1.05
C ILE A 14 -9.72 -1.44 1.86
N SER A 15 -9.08 -2.58 2.18
CA SER A 15 -9.64 -3.56 3.13
C SER A 15 -9.77 -2.95 4.53
N ARG A 16 -8.78 -2.15 4.96
CA ARG A 16 -8.80 -1.42 6.26
C ARG A 16 -9.50 -0.05 6.19
N GLY A 17 -9.79 0.48 4.99
CA GLY A 17 -10.67 1.64 4.75
C GLY A 17 -9.97 2.91 4.25
N TYR A 18 -8.67 2.84 3.99
CA TYR A 18 -7.85 3.91 3.42
C TYR A 18 -8.06 4.04 1.90
N ARG A 19 -7.65 5.15 1.28
CA ARG A 19 -7.89 5.41 -0.15
C ARG A 19 -6.78 4.87 -1.06
N GLN A 20 -5.54 4.85 -0.58
CA GLN A 20 -4.33 4.54 -1.35
C GLN A 20 -3.17 4.21 -0.40
N GLY A 21 -2.11 3.57 -0.90
CA GLY A 21 -0.83 3.42 -0.21
C GLY A 21 0.36 3.71 -1.13
N LYS A 22 1.52 4.03 -0.55
CA LYS A 22 2.80 4.30 -1.25
C LYS A 22 3.99 3.67 -0.52
N CYS A 23 4.96 3.15 -1.27
CA CYS A 23 6.20 2.56 -0.77
C CYS A 23 7.15 3.62 -0.17
N TRP A 24 7.91 3.25 0.86
CA TRP A 24 8.91 4.12 1.52
C TRP A 24 10.27 3.48 1.77
N GLY A 25 10.49 2.24 1.34
CA GLY A 25 11.69 1.43 1.66
C GLY A 25 11.58 0.67 2.99
N LYS A 26 10.36 0.49 3.51
CA LYS A 26 10.05 -0.19 4.77
C LYS A 26 8.65 -0.81 4.82
N TYR A 27 7.63 -0.08 4.38
CA TYR A 27 6.22 -0.51 4.38
C TYR A 27 5.43 0.39 3.42
N CYS A 28 4.43 -0.15 2.72
CA CYS A 28 3.61 0.60 1.78
C CYS A 28 2.45 1.32 2.51
N GLN A 29 2.81 2.35 3.28
CA GLN A 29 1.93 3.03 4.23
C GLN A 29 0.72 3.72 3.56
N CYS A 30 -0.46 3.56 4.18
CA CYS A 30 -1.76 3.97 3.64
C CYS A 30 -2.19 5.40 4.04
N TYR A 31 -3.02 6.06 3.23
CA TYR A 31 -3.53 7.43 3.45
C TYR A 31 -4.95 7.72 2.93
N GLY A 1 9.38 -9.44 3.46
CA GLY A 1 8.11 -8.76 3.15
C GLY A 1 8.27 -7.86 1.94
N MET A 2 7.19 -7.69 1.17
CA MET A 2 7.15 -6.80 0.00
C MET A 2 6.99 -5.33 0.41
N ALA A 3 7.89 -4.47 -0.03
CA ALA A 3 7.95 -3.07 0.38
C ALA A 3 6.92 -2.14 -0.30
N CYS A 4 6.51 -2.42 -1.56
CA CYS A 4 5.77 -1.48 -2.39
C CYS A 4 4.78 -2.10 -3.41
N GLN A 5 4.13 -3.23 -3.11
CA GLN A 5 3.28 -3.97 -4.07
C GLN A 5 2.15 -3.09 -4.67
N PHE A 6 2.11 -2.95 -6.00
CA PHE A 6 1.25 -1.96 -6.67
C PHE A 6 -0.24 -2.32 -6.69
N TRP A 7 -0.60 -3.60 -6.59
CA TRP A 7 -1.98 -4.08 -6.58
C TRP A 7 -2.42 -4.53 -5.18
N SER A 8 -1.74 -5.54 -4.63
CA SER A 8 -2.07 -6.32 -3.43
C SER A 8 -2.05 -5.50 -2.14
N CYS A 9 -1.12 -4.54 -2.05
CA CYS A 9 -1.10 -3.62 -0.92
C CYS A 9 -2.22 -2.58 -1.07
N ASN A 10 -2.42 -2.02 -2.28
CA ASN A 10 -3.41 -0.97 -2.47
C ASN A 10 -4.83 -1.51 -2.22
N SER A 11 -5.12 -2.74 -2.64
CA SER A 11 -6.40 -3.42 -2.41
C SER A 11 -6.64 -3.73 -0.93
N SER A 12 -5.59 -4.11 -0.18
CA SER A 12 -5.63 -4.25 1.27
C SER A 12 -5.91 -2.90 1.97
N CYS A 13 -5.23 -1.83 1.56
CA CYS A 13 -5.46 -0.48 2.06
C CYS A 13 -6.89 0.03 1.77
N ILE A 14 -7.44 -0.22 0.57
CA ILE A 14 -8.85 0.03 0.22
C ILE A 14 -9.77 -0.74 1.17
N SER A 15 -9.56 -2.05 1.36
CA SER A 15 -10.38 -2.89 2.24
C SER A 15 -10.40 -2.41 3.71
N ARG A 16 -9.23 -1.99 4.23
CA ARG A 16 -9.07 -1.47 5.59
C ARG A 16 -9.51 -0.01 5.79
N GLY A 17 -9.73 0.74 4.72
CA GLY A 17 -10.39 2.06 4.73
C GLY A 17 -9.50 3.28 4.45
N TYR A 18 -8.29 3.07 3.96
CA TYR A 18 -7.28 4.11 3.69
C TYR A 18 -7.43 4.77 2.31
N ARG A 19 -6.91 5.99 2.17
CA ARG A 19 -6.97 6.82 0.96
C ARG A 19 -5.96 6.33 -0.10
N GLN A 20 -4.76 5.95 0.33
CA GLN A 20 -3.68 5.46 -0.55
C GLN A 20 -2.90 4.29 0.06
N GLY A 21 -2.56 3.32 -0.78
CA GLY A 21 -1.64 2.22 -0.49
C GLY A 21 -0.27 2.39 -1.15
N LYS A 22 0.29 3.60 -1.11
CA LYS A 22 1.68 3.87 -1.50
C LYS A 22 2.66 3.58 -0.36
N CYS A 23 3.87 3.14 -0.71
CA CYS A 23 4.97 2.93 0.21
C CYS A 23 5.83 4.20 0.41
N TRP A 24 6.86 4.10 1.26
CA TRP A 24 7.92 5.10 1.42
C TRP A 24 9.30 4.48 1.11
N GLY A 25 9.35 3.64 0.07
CA GLY A 25 10.50 2.83 -0.34
C GLY A 25 10.76 1.58 0.53
N LYS A 26 10.51 1.68 1.84
CA LYS A 26 10.79 0.64 2.85
C LYS A 26 9.63 -0.32 3.15
N TYR A 27 8.40 0.19 3.30
CA TYR A 27 7.21 -0.57 3.70
C TYR A 27 5.96 0.07 3.09
N CYS A 28 4.92 -0.74 2.86
CA CYS A 28 3.69 -0.30 2.20
C CYS A 28 2.66 0.26 3.22
N GLN A 29 3.05 1.38 3.83
CA GLN A 29 2.36 2.00 4.96
C GLN A 29 1.15 2.84 4.53
N CYS A 30 -0.06 2.26 4.50
CA CYS A 30 -1.29 2.92 4.02
C CYS A 30 -1.55 4.29 4.71
N TYR A 31 -2.09 5.28 3.99
CA TYR A 31 -2.40 6.64 4.50
C TYR A 31 -3.67 7.28 3.91
N GLY A 1 16.04 -3.20 -5.00
CA GLY A 1 15.23 -4.32 -5.53
C GLY A 1 13.80 -3.89 -5.78
N MET A 2 12.93 -4.88 -6.00
CA MET A 2 11.47 -4.73 -6.06
C MET A 2 10.78 -5.86 -5.27
N ALA A 3 9.87 -5.51 -4.35
CA ALA A 3 9.28 -6.43 -3.37
C ALA A 3 7.87 -6.07 -2.88
N CYS A 4 7.38 -4.84 -3.14
CA CYS A 4 6.16 -4.27 -2.57
C CYS A 4 5.37 -3.51 -3.65
N GLN A 5 4.64 -4.26 -4.46
CA GLN A 5 3.87 -3.76 -5.61
C GLN A 5 2.58 -3.03 -5.19
N PHE A 6 2.22 -1.99 -5.93
CA PHE A 6 1.14 -1.07 -5.58
C PHE A 6 -0.23 -1.75 -5.47
N TRP A 7 -0.57 -2.65 -6.38
CA TRP A 7 -1.88 -3.31 -6.51
C TRP A 7 -2.27 -4.19 -5.29
N SER A 8 -1.32 -4.92 -4.70
CA SER A 8 -1.56 -5.74 -3.51
C SER A 8 -1.65 -4.90 -2.23
N CYS A 9 -0.83 -3.84 -2.14
CA CYS A 9 -0.86 -2.83 -1.08
C CYS A 9 -2.21 -2.08 -1.08
N ASN A 10 -2.68 -1.65 -2.26
CA ASN A 10 -4.01 -1.09 -2.48
C ASN A 10 -5.11 -2.02 -1.98
N SER A 11 -5.12 -3.27 -2.42
CA SER A 11 -6.24 -4.18 -2.11
C SER A 11 -6.35 -4.49 -0.62
N SER A 12 -5.21 -4.50 0.10
CA SER A 12 -5.18 -4.57 1.57
C SER A 12 -5.68 -3.27 2.23
N CYS A 13 -5.08 -2.12 1.91
CA CYS A 13 -5.42 -0.84 2.54
C CYS A 13 -6.85 -0.37 2.24
N ILE A 14 -7.37 -0.62 1.04
CA ILE A 14 -8.76 -0.34 0.64
C ILE A 14 -9.74 -1.34 1.30
N SER A 15 -9.27 -2.50 1.76
CA SER A 15 -10.06 -3.39 2.62
C SER A 15 -10.10 -2.85 4.06
N ARG A 16 -8.97 -2.39 4.60
CA ARG A 16 -8.87 -1.80 5.95
C ARG A 16 -9.67 -0.50 6.10
N GLY A 17 -9.52 0.44 5.16
CA GLY A 17 -10.34 1.66 5.10
C GLY A 17 -9.74 2.91 4.44
N TYR A 18 -8.50 2.84 3.96
CA TYR A 18 -7.71 4.00 3.52
C TYR A 18 -8.21 4.72 2.27
N ARG A 19 -7.80 5.99 2.12
CA ARG A 19 -8.07 6.85 0.96
C ARG A 19 -6.98 6.76 -0.11
N GLN A 20 -5.73 6.56 0.30
CA GLN A 20 -4.51 6.61 -0.53
C GLN A 20 -3.43 5.63 0.00
N GLY A 21 -2.42 5.31 -0.81
CA GLY A 21 -1.21 4.60 -0.38
C GLY A 21 0.00 4.79 -1.28
N LYS A 22 1.17 4.38 -0.76
CA LYS A 22 2.46 4.29 -1.45
C LYS A 22 3.37 3.27 -0.74
N CYS A 23 4.32 2.66 -1.45
CA CYS A 23 5.35 1.82 -0.86
C CYS A 23 6.72 2.11 -1.46
N TRP A 24 7.78 1.97 -0.66
CA TRP A 24 9.18 2.20 -1.06
C TRP A 24 10.02 0.96 -0.78
N GLY A 25 9.48 -0.22 -1.11
CA GLY A 25 9.99 -1.54 -0.73
C GLY A 25 9.76 -1.87 0.75
N LYS A 26 10.04 -0.92 1.67
CA LYS A 26 10.09 -1.13 3.12
C LYS A 26 8.75 -1.54 3.73
N TYR A 27 7.65 -0.83 3.43
CA TYR A 27 6.31 -1.12 3.97
C TYR A 27 5.23 -0.32 3.25
N CYS A 28 4.05 -0.94 3.08
CA CYS A 28 2.84 -0.36 2.50
C CYS A 28 2.25 0.76 3.39
N GLN A 29 2.85 1.95 3.30
CA GLN A 29 2.32 3.20 3.91
C GLN A 29 0.99 3.64 3.27
N CYS A 30 -0.07 3.80 4.07
CA CYS A 30 -1.39 4.23 3.61
C CYS A 30 -1.93 5.44 4.39
N TYR A 31 -2.84 6.20 3.76
CA TYR A 31 -3.30 7.52 4.22
C TYR A 31 -4.81 7.75 4.05
N GLY A 1 11.70 -4.59 -11.91
CA GLY A 1 10.69 -3.53 -12.10
C GLY A 1 10.24 -3.01 -10.76
N MET A 2 8.92 -2.94 -10.54
CA MET A 2 8.32 -2.61 -9.24
C MET A 2 8.56 -3.75 -8.23
N ALA A 3 8.94 -3.42 -7.01
CA ALA A 3 9.22 -4.37 -5.92
C ALA A 3 8.26 -4.22 -4.71
N CYS A 4 7.36 -3.23 -4.76
CA CYS A 4 6.34 -2.93 -3.75
C CYS A 4 4.97 -2.85 -4.45
N GLN A 5 4.27 -3.99 -4.55
CA GLN A 5 3.11 -4.21 -5.42
C GLN A 5 1.92 -3.27 -5.17
N PHE A 6 1.75 -2.27 -6.05
CA PHE A 6 0.76 -1.20 -5.93
C PHE A 6 -0.67 -1.71 -5.73
N TRP A 7 -1.15 -2.57 -6.64
CA TRP A 7 -2.52 -3.09 -6.66
C TRP A 7 -2.85 -3.94 -5.42
N SER A 8 -1.86 -4.62 -4.83
CA SER A 8 -2.04 -5.44 -3.62
C SER A 8 -2.05 -4.56 -2.37
N CYS A 9 -1.10 -3.62 -2.27
CA CYS A 9 -1.03 -2.68 -1.15
C CYS A 9 -2.27 -1.78 -1.10
N ASN A 10 -2.66 -1.13 -2.20
CA ASN A 10 -3.80 -0.25 -2.25
C ASN A 10 -5.12 -0.99 -2.02
N SER A 11 -5.30 -2.21 -2.55
CA SER A 11 -6.46 -3.06 -2.24
C SER A 11 -6.51 -3.45 -0.76
N SER A 12 -5.36 -3.72 -0.13
CA SER A 12 -5.28 -3.91 1.33
C SER A 12 -5.69 -2.64 2.07
N CYS A 13 -5.07 -1.49 1.75
CA CYS A 13 -5.36 -0.21 2.37
C CYS A 13 -6.85 0.16 2.26
N ILE A 14 -7.46 0.05 1.08
CA ILE A 14 -8.88 0.32 0.85
C ILE A 14 -9.77 -0.67 1.63
N SER A 15 -9.44 -1.96 1.62
CA SER A 15 -10.19 -2.98 2.39
C SER A 15 -10.06 -2.80 3.91
N ARG A 16 -8.92 -2.28 4.40
CA ARG A 16 -8.73 -1.87 5.81
C ARG A 16 -9.48 -0.58 6.17
N GLY A 17 -9.64 0.38 5.24
CA GLY A 17 -10.43 1.62 5.43
C GLY A 17 -9.82 2.94 4.92
N TYR A 18 -8.71 2.91 4.18
CA TYR A 18 -8.00 4.07 3.62
C TYR A 18 -8.38 4.33 2.14
N ARG A 19 -7.71 5.26 1.44
CA ARG A 19 -7.89 5.51 -0.01
C ARG A 19 -6.67 5.12 -0.86
N GLN A 20 -5.46 5.21 -0.32
CA GLN A 20 -4.21 5.03 -1.08
C GLN A 20 -3.14 4.24 -0.30
N GLY A 21 -2.28 3.51 -1.01
CA GLY A 21 -1.06 2.89 -0.48
C GLY A 21 0.19 3.50 -1.13
N LYS A 22 1.27 3.71 -0.38
CA LYS A 22 2.51 4.37 -0.84
C LYS A 22 3.74 3.72 -0.19
N CYS A 23 4.81 3.50 -0.98
CA CYS A 23 6.06 2.87 -0.55
C CYS A 23 7.08 3.93 -0.09
N TRP A 24 7.98 3.56 0.81
CA TRP A 24 8.88 4.50 1.51
C TRP A 24 10.28 3.93 1.80
N GLY A 25 10.72 2.92 1.03
CA GLY A 25 11.95 2.18 1.29
C GLY A 25 11.95 1.43 2.63
N LYS A 26 10.77 1.03 3.15
CA LYS A 26 10.58 0.25 4.38
C LYS A 26 9.26 -0.52 4.47
N TYR A 27 8.12 0.13 4.22
CA TYR A 27 6.77 -0.42 4.37
C TYR A 27 5.83 0.29 3.38
N CYS A 28 4.85 -0.43 2.85
CA CYS A 28 3.77 0.18 2.07
C CYS A 28 2.69 0.71 3.02
N GLN A 29 2.92 1.94 3.50
CA GLN A 29 1.99 2.70 4.34
C GLN A 29 0.67 3.08 3.63
N CYS A 30 -0.41 3.22 4.40
CA CYS A 30 -1.76 3.56 3.91
C CYS A 30 -2.22 4.98 4.29
N TYR A 31 -3.02 5.61 3.43
CA TYR A 31 -3.43 7.02 3.53
C TYR A 31 -4.87 7.28 3.08
N GLY A 1 14.47 -4.69 -4.15
CA GLY A 1 13.83 -3.73 -5.07
C GLY A 1 12.71 -2.99 -4.36
N MET A 2 11.55 -2.89 -5.01
CA MET A 2 10.35 -2.29 -4.45
C MET A 2 9.72 -3.22 -3.39
N ALA A 3 10.09 -3.04 -2.11
CA ALA A 3 9.70 -3.91 -0.99
C ALA A 3 8.27 -3.63 -0.44
N CYS A 4 7.38 -3.14 -1.29
CA CYS A 4 5.99 -2.87 -1.01
C CYS A 4 5.13 -3.05 -2.27
N GLN A 5 4.03 -3.78 -2.12
CA GLN A 5 3.09 -4.08 -3.19
C GLN A 5 2.12 -2.91 -3.43
N PHE A 6 2.57 -1.90 -4.19
CA PHE A 6 1.89 -0.60 -4.36
C PHE A 6 0.44 -0.66 -4.89
N TRP A 7 0.02 -1.79 -5.48
CA TRP A 7 -1.37 -2.08 -5.83
C TRP A 7 -1.98 -3.12 -4.88
N SER A 8 -1.39 -4.31 -4.74
CA SER A 8 -2.01 -5.45 -4.04
C SER A 8 -2.13 -5.26 -2.52
N CYS A 9 -1.12 -4.68 -1.87
CA CYS A 9 -1.21 -4.35 -0.45
C CYS A 9 -2.14 -3.13 -0.24
N ASN A 10 -2.18 -2.19 -1.19
CA ASN A 10 -3.10 -1.06 -1.13
C ASN A 10 -4.56 -1.51 -1.33
N SER A 11 -4.81 -2.56 -2.11
CA SER A 11 -6.13 -3.18 -2.29
C SER A 11 -6.66 -3.73 -0.97
N SER A 12 -5.79 -4.33 -0.16
CA SER A 12 -6.11 -4.74 1.21
C SER A 12 -6.41 -3.53 2.11
N CYS A 13 -5.60 -2.48 2.02
CA CYS A 13 -5.85 -1.22 2.73
C CYS A 13 -7.19 -0.57 2.33
N ILE A 14 -7.57 -0.57 1.05
CA ILE A 14 -8.87 -0.10 0.54
C ILE A 14 -10.02 -1.02 1.02
N SER A 15 -9.79 -2.33 1.16
CA SER A 15 -10.77 -3.26 1.73
C SER A 15 -11.11 -2.89 3.18
N ARG A 16 -10.10 -2.58 4.01
CA ARG A 16 -10.27 -2.02 5.37
C ARG A 16 -10.84 -0.60 5.40
N GLY A 17 -10.35 0.29 4.52
CA GLY A 17 -10.95 1.62 4.28
C GLY A 17 -9.97 2.76 3.92
N TYR A 18 -8.66 2.55 4.04
CA TYR A 18 -7.60 3.53 3.78
C TYR A 18 -7.42 3.80 2.26
N ARG A 19 -7.15 5.04 1.82
CA ARG A 19 -7.10 5.41 0.38
C ARG A 19 -5.77 5.97 -0.14
N GLN A 20 -4.75 6.21 0.69
CA GLN A 20 -3.48 6.79 0.24
C GLN A 20 -2.55 5.76 -0.41
N GLY A 21 -2.17 4.71 0.31
CA GLY A 21 -1.40 3.56 -0.16
C GLY A 21 -0.02 3.94 -0.73
N LYS A 22 0.84 4.53 0.10
CA LYS A 22 2.18 5.02 -0.29
C LYS A 22 3.22 3.89 -0.26
N CYS A 23 4.19 3.91 -1.18
CA CYS A 23 5.28 2.95 -1.26
C CYS A 23 6.56 3.66 -1.74
N TRP A 24 7.41 4.09 -0.79
CA TRP A 24 8.72 4.69 -1.06
C TRP A 24 9.78 3.67 -1.52
N GLY A 25 9.35 2.58 -2.17
CA GLY A 25 10.20 1.42 -2.51
C GLY A 25 10.59 0.53 -1.32
N LYS A 26 10.04 0.78 -0.12
CA LYS A 26 10.48 0.16 1.14
C LYS A 26 9.36 -0.44 2.02
N TYR A 27 8.22 0.24 2.22
CA TYR A 27 7.14 -0.24 3.11
C TYR A 27 5.76 0.22 2.63
N CYS A 28 4.75 -0.65 2.73
CA CYS A 28 3.37 -0.37 2.32
C CYS A 28 2.64 0.54 3.33
N GLN A 29 3.07 1.80 3.44
CA GLN A 29 2.48 2.79 4.34
C GLN A 29 1.01 3.10 3.95
N CYS A 30 0.06 2.75 4.83
CA CYS A 30 -1.38 2.94 4.57
C CYS A 30 -2.03 3.96 5.54
N TYR A 31 -2.76 4.90 4.93
CA TYR A 31 -3.47 6.03 5.53
C TYR A 31 -4.82 6.30 4.85
N GLY A 1 12.51 -6.03 2.02
CA GLY A 1 12.24 -5.89 0.58
C GLY A 1 11.82 -4.48 0.24
N MET A 2 10.76 -4.30 -0.54
CA MET A 2 10.12 -2.99 -0.79
C MET A 2 8.61 -2.99 -0.46
N ALA A 3 7.93 -4.13 -0.56
CA ALA A 3 6.50 -4.34 -0.32
C ALA A 3 5.52 -3.56 -1.22
N CYS A 4 6.03 -2.78 -2.20
CA CYS A 4 5.25 -1.89 -3.05
C CYS A 4 4.52 -2.57 -4.23
N GLN A 5 4.16 -3.86 -4.12
CA GLN A 5 3.32 -4.55 -5.11
C GLN A 5 1.93 -3.89 -5.15
N PHE A 6 1.71 -3.02 -6.15
CA PHE A 6 0.55 -2.10 -6.22
C PHE A 6 -0.81 -2.78 -5.99
N TRP A 7 -1.10 -3.81 -6.77
CA TRP A 7 -2.36 -4.58 -6.73
C TRP A 7 -2.57 -5.33 -5.41
N SER A 8 -1.53 -5.53 -4.60
CA SER A 8 -1.60 -6.15 -3.27
C SER A 8 -1.72 -5.06 -2.18
N CYS A 9 -0.78 -4.11 -2.16
CA CYS A 9 -0.69 -3.04 -1.17
C CYS A 9 -1.92 -2.12 -1.18
N ASN A 10 -2.26 -1.52 -2.33
CA ASN A 10 -3.39 -0.62 -2.46
C ASN A 10 -4.73 -1.32 -2.20
N SER A 11 -4.87 -2.57 -2.66
CA SER A 11 -6.02 -3.42 -2.36
C SER A 11 -6.20 -3.61 -0.85
N SER A 12 -5.10 -3.88 -0.12
CA SER A 12 -5.16 -4.03 1.33
C SER A 12 -5.53 -2.71 2.03
N CYS A 13 -4.89 -1.61 1.68
CA CYS A 13 -5.21 -0.28 2.24
C CYS A 13 -6.69 0.11 1.99
N ILE A 14 -7.19 -0.05 0.76
CA ILE A 14 -8.59 0.25 0.40
C ILE A 14 -9.57 -0.68 1.13
N SER A 15 -9.21 -1.96 1.31
CA SER A 15 -10.04 -2.95 2.01
C SER A 15 -10.10 -2.74 3.53
N ARG A 16 -9.02 -2.24 4.16
CA ARG A 16 -9.01 -1.79 5.56
C ARG A 16 -9.62 -0.39 5.76
N GLY A 17 -9.75 0.41 4.70
CA GLY A 17 -10.52 1.67 4.69
C GLY A 17 -9.75 2.97 4.54
N TYR A 18 -8.50 2.92 4.10
CA TYR A 18 -7.61 4.07 3.92
C TYR A 18 -7.80 4.78 2.56
N ARG A 19 -7.43 6.07 2.50
CA ARG A 19 -7.62 6.99 1.35
C ARG A 19 -6.65 6.72 0.22
N GLN A 20 -5.43 6.28 0.54
CA GLN A 20 -4.36 5.96 -0.42
C GLN A 20 -3.42 4.87 0.12
N GLY A 21 -2.60 4.31 -0.77
CA GLY A 21 -1.62 3.25 -0.49
C GLY A 21 -0.25 3.50 -1.12
N LYS A 22 0.16 4.77 -1.27
CA LYS A 22 1.40 5.22 -1.94
C LYS A 22 2.65 4.76 -1.17
N CYS A 23 3.11 3.54 -1.46
CA CYS A 23 4.20 2.85 -0.77
C CYS A 23 5.50 3.67 -0.82
N TRP A 24 6.22 3.74 0.31
CA TRP A 24 7.38 4.63 0.49
C TRP A 24 8.66 4.14 -0.21
N GLY A 25 8.58 3.15 -1.10
CA GLY A 25 9.74 2.44 -1.66
C GLY A 25 10.38 1.42 -0.70
N LYS A 26 9.77 1.22 0.48
CA LYS A 26 10.29 0.37 1.58
C LYS A 26 9.21 -0.44 2.32
N TYR A 27 8.02 0.12 2.52
CA TYR A 27 6.90 -0.47 3.26
C TYR A 27 5.57 0.13 2.77
N CYS A 28 4.53 -0.70 2.75
CA CYS A 28 3.16 -0.35 2.40
C CYS A 28 2.46 0.39 3.58
N GLN A 29 2.87 1.62 3.85
CA GLN A 29 2.18 2.50 4.81
C GLN A 29 0.91 3.11 4.19
N CYS A 30 -0.27 2.86 4.77
CA CYS A 30 -1.56 3.33 4.25
C CYS A 30 -1.95 4.74 4.75
N TYR A 31 -2.66 5.52 3.93
CA TYR A 31 -2.92 6.96 4.11
C TYR A 31 -4.31 7.27 4.68
N GLY A 1 8.71 -2.34 -6.46
CA GLY A 1 8.61 -3.80 -6.42
C GLY A 1 8.53 -4.30 -5.00
N MET A 2 9.65 -4.82 -4.46
CA MET A 2 9.73 -5.56 -3.18
C MET A 2 8.95 -4.92 -2.03
N ALA A 3 8.16 -5.74 -1.33
CA ALA A 3 7.24 -5.42 -0.24
C ALA A 3 6.12 -4.40 -0.57
N CYS A 4 6.08 -3.83 -1.78
CA CYS A 4 5.22 -2.69 -2.15
C CYS A 4 4.50 -2.87 -3.49
N GLN A 5 4.02 -4.09 -3.78
CA GLN A 5 3.26 -4.42 -4.98
C GLN A 5 1.97 -3.58 -5.09
N PHE A 6 1.77 -2.89 -6.21
CA PHE A 6 0.74 -1.85 -6.37
C PHE A 6 -0.70 -2.30 -6.12
N TRP A 7 -1.21 -3.29 -6.86
CA TRP A 7 -2.60 -3.75 -6.75
C TRP A 7 -2.85 -4.49 -5.42
N SER A 8 -1.81 -5.08 -4.83
CA SER A 8 -1.85 -5.69 -3.49
C SER A 8 -1.95 -4.61 -2.42
N CYS A 9 -1.03 -3.65 -2.40
CA CYS A 9 -1.01 -2.54 -1.45
C CYS A 9 -2.29 -1.72 -1.50
N ASN A 10 -2.78 -1.38 -2.69
CA ASN A 10 -4.04 -0.70 -2.87
C ASN A 10 -5.20 -1.51 -2.25
N SER A 11 -5.37 -2.78 -2.65
CA SER A 11 -6.47 -3.62 -2.18
C SER A 11 -6.43 -3.85 -0.66
N SER A 12 -5.23 -3.95 -0.09
CA SER A 12 -4.98 -4.02 1.36
C SER A 12 -5.43 -2.76 2.09
N CYS A 13 -4.95 -1.60 1.63
CA CYS A 13 -5.30 -0.29 2.20
C CYS A 13 -6.81 0.00 2.08
N ILE A 14 -7.40 -0.26 0.91
CA ILE A 14 -8.83 -0.09 0.64
C ILE A 14 -9.67 -1.03 1.55
N SER A 15 -9.23 -2.27 1.77
CA SER A 15 -9.91 -3.25 2.63
C SER A 15 -9.91 -2.83 4.11
N ARG A 16 -8.78 -2.29 4.60
CA ARG A 16 -8.61 -1.87 6.00
C ARG A 16 -9.34 -0.55 6.35
N GLY A 17 -9.46 0.38 5.42
CA GLY A 17 -10.20 1.65 5.60
C GLY A 17 -9.46 2.93 5.17
N TYR A 18 -8.59 2.84 4.17
CA TYR A 18 -7.77 3.94 3.63
C TYR A 18 -8.10 4.20 2.14
N ARG A 19 -7.52 5.25 1.52
CA ARG A 19 -7.69 5.58 0.09
C ARG A 19 -6.39 5.48 -0.73
N GLN A 20 -5.24 5.86 -0.17
CA GLN A 20 -3.91 5.83 -0.82
C GLN A 20 -3.02 4.73 -0.22
N GLY A 21 -2.16 4.11 -1.04
CA GLY A 21 -1.10 3.20 -0.62
C GLY A 21 0.24 3.58 -1.29
N LYS A 22 1.22 4.06 -0.52
CA LYS A 22 2.48 4.66 -1.00
C LYS A 22 3.69 4.09 -0.23
N CYS A 23 4.70 3.63 -0.95
CA CYS A 23 5.90 3.02 -0.36
C CYS A 23 6.98 4.05 0.00
N TRP A 24 7.73 3.78 1.06
CA TRP A 24 8.91 4.54 1.51
C TRP A 24 10.10 3.59 1.72
N GLY A 25 10.24 2.61 0.82
CA GLY A 25 11.11 1.44 0.91
C GLY A 25 10.69 0.41 1.97
N LYS A 26 10.37 0.87 3.18
CA LYS A 26 10.17 0.04 4.37
C LYS A 26 8.79 -0.63 4.46
N TYR A 27 7.74 0.06 4.04
CA TYR A 27 6.37 -0.42 4.03
C TYR A 27 5.55 0.36 3.01
N CYS A 28 4.54 -0.25 2.39
CA CYS A 28 3.58 0.47 1.56
C CYS A 28 2.50 1.11 2.46
N GLN A 29 2.88 2.22 3.10
CA GLN A 29 2.03 2.94 4.05
C GLN A 29 0.68 3.35 3.45
N CYS A 30 -0.39 3.13 4.22
CA CYS A 30 -1.75 3.50 3.84
C CYS A 30 -2.18 4.85 4.43
N TYR A 31 -2.98 5.63 3.69
CA TYR A 31 -3.47 6.95 4.09
C TYR A 31 -4.95 7.17 3.75
N GLY A 1 5.08 2.72 -9.17
CA GLY A 1 6.15 2.66 -8.15
C GLY A 1 7.02 1.44 -8.38
N MET A 2 8.34 1.61 -8.24
CA MET A 2 9.30 0.50 -8.36
C MET A 2 9.48 -0.23 -7.03
N ALA A 3 9.82 -1.53 -7.12
CA ALA A 3 9.97 -2.49 -6.02
C ALA A 3 8.73 -2.73 -5.12
N CYS A 4 7.57 -2.17 -5.46
CA CYS A 4 6.28 -2.38 -4.80
C CYS A 4 5.14 -2.30 -5.81
N GLN A 5 4.39 -3.39 -5.93
CA GLN A 5 3.16 -3.44 -6.73
C GLN A 5 2.06 -2.51 -6.20
N PHE A 6 1.09 -2.20 -7.07
CA PHE A 6 -0.03 -1.31 -6.78
C PHE A 6 -1.25 -2.03 -6.16
N TRP A 7 -1.75 -3.07 -6.84
CA TRP A 7 -3.04 -3.73 -6.59
C TRP A 7 -3.23 -4.41 -5.22
N SER A 8 -2.21 -5.07 -4.65
CA SER A 8 -2.27 -5.68 -3.31
C SER A 8 -2.00 -4.67 -2.20
N CYS A 9 -1.09 -3.69 -2.40
CA CYS A 9 -0.92 -2.58 -1.45
C CYS A 9 -2.21 -1.78 -1.29
N ASN A 10 -2.88 -1.45 -2.39
CA ASN A 10 -4.19 -0.83 -2.42
C ASN A 10 -5.25 -1.74 -1.78
N SER A 11 -5.23 -3.06 -2.06
CA SER A 11 -6.18 -4.01 -1.45
C SER A 11 -6.07 -4.03 0.08
N SER A 12 -4.83 -3.94 0.60
CA SER A 12 -4.58 -3.80 2.04
C SER A 12 -5.20 -2.51 2.59
N CYS A 13 -4.83 -1.35 2.03
CA CYS A 13 -5.34 -0.06 2.49
C CYS A 13 -6.86 0.05 2.37
N ILE A 14 -7.45 -0.36 1.24
CA ILE A 14 -8.90 -0.31 0.99
C ILE A 14 -9.65 -1.20 1.98
N SER A 15 -9.06 -2.33 2.39
CA SER A 15 -9.59 -3.22 3.43
C SER A 15 -9.44 -2.64 4.86
N ARG A 16 -8.31 -2.00 5.18
CA ARG A 16 -8.12 -1.23 6.43
C ARG A 16 -9.07 -0.01 6.53
N GLY A 17 -9.50 0.55 5.40
CA GLY A 17 -10.41 1.70 5.30
C GLY A 17 -9.77 3.00 4.77
N TYR A 18 -8.83 2.91 3.84
CA TYR A 18 -8.05 4.03 3.26
C TYR A 18 -7.91 3.81 1.74
N ARG A 19 -8.06 4.84 0.87
CA ARG A 19 -8.20 4.60 -0.58
C ARG A 19 -6.94 4.08 -1.30
N GLN A 20 -5.74 4.38 -0.82
CA GLN A 20 -4.45 4.08 -1.48
C GLN A 20 -3.31 4.02 -0.45
N GLY A 21 -2.19 3.38 -0.81
CA GLY A 21 -0.92 3.44 -0.06
C GLY A 21 0.30 3.49 -0.97
N LYS A 22 1.43 3.95 -0.42
CA LYS A 22 2.73 4.18 -1.10
C LYS A 22 3.90 3.59 -0.28
N CYS A 23 4.87 2.94 -0.93
CA CYS A 23 6.08 2.42 -0.29
C CYS A 23 7.13 3.50 0.05
N TRP A 24 7.86 3.25 1.15
CA TRP A 24 8.88 4.12 1.74
C TRP A 24 10.07 3.32 2.34
N GLY A 25 10.35 2.13 1.81
CA GLY A 25 11.37 1.21 2.33
C GLY A 25 11.02 0.46 3.63
N LYS A 26 9.85 0.70 4.23
CA LYS A 26 9.44 0.18 5.54
C LYS A 26 8.07 -0.52 5.57
N TYR A 27 7.06 0.06 4.90
CA TYR A 27 5.72 -0.47 4.64
C TYR A 27 5.04 0.38 3.55
N CYS A 28 4.10 -0.20 2.80
CA CYS A 28 3.28 0.53 1.82
C CYS A 28 2.16 1.33 2.53
N GLN A 29 2.56 2.42 3.18
CA GLN A 29 1.77 3.25 4.09
C GLN A 29 0.59 3.97 3.42
N CYS A 30 -0.58 3.90 4.04
CA CYS A 30 -1.85 4.35 3.47
C CYS A 30 -2.06 5.89 3.60
N TYR A 31 -2.95 6.44 2.76
CA TYR A 31 -3.34 7.86 2.76
C TYR A 31 -4.46 8.20 3.78
N GLY A 1 9.96 -11.09 -2.86
CA GLY A 1 9.54 -9.95 -2.04
C GLY A 1 9.61 -8.66 -2.83
N MET A 2 8.81 -7.67 -2.45
CA MET A 2 8.89 -6.30 -2.97
C MET A 2 8.84 -5.26 -1.83
N ALA A 3 9.67 -4.21 -1.92
CA ALA A 3 9.65 -3.08 -0.99
C ALA A 3 8.39 -2.19 -1.13
N CYS A 4 7.58 -2.39 -2.18
CA CYS A 4 6.29 -1.72 -2.40
C CYS A 4 5.30 -2.65 -3.13
N GLN A 5 4.53 -3.43 -2.38
CA GLN A 5 3.46 -4.33 -2.84
C GLN A 5 2.18 -3.58 -3.26
N PHE A 6 2.31 -2.59 -4.16
CA PHE A 6 1.26 -1.63 -4.49
C PHE A 6 -0.10 -2.22 -4.92
N TRP A 7 -0.17 -3.49 -5.35
CA TRP A 7 -1.39 -4.09 -5.90
C TRP A 7 -2.22 -4.82 -4.84
N SER A 8 -1.59 -5.67 -4.02
CA SER A 8 -2.26 -6.28 -2.87
C SER A 8 -2.45 -5.26 -1.73
N CYS A 9 -1.53 -4.30 -1.60
CA CYS A 9 -1.66 -3.14 -0.71
C CYS A 9 -2.90 -2.28 -1.05
N ASN A 10 -3.20 -2.07 -2.34
CA ASN A 10 -4.45 -1.48 -2.80
C ASN A 10 -5.65 -2.36 -2.37
N SER A 11 -5.66 -3.64 -2.74
CA SER A 11 -6.79 -4.55 -2.52
C SER A 11 -7.12 -4.78 -1.03
N SER A 12 -6.09 -4.70 -0.17
CA SER A 12 -6.21 -4.72 1.30
C SER A 12 -6.72 -3.38 1.84
N CYS A 13 -5.94 -2.31 1.69
CA CYS A 13 -6.19 -1.03 2.36
C CYS A 13 -7.39 -0.25 1.78
N ILE A 14 -7.74 -0.41 0.50
CA ILE A 14 -8.98 0.19 -0.06
C ILE A 14 -10.22 -0.53 0.50
N SER A 15 -10.12 -1.83 0.77
CA SER A 15 -11.21 -2.64 1.30
C SER A 15 -11.42 -2.45 2.81
N ARG A 16 -10.35 -2.33 3.61
CA ARG A 16 -10.42 -2.03 5.06
C ARG A 16 -10.66 -0.55 5.40
N GLY A 17 -10.25 0.39 4.54
CA GLY A 17 -10.51 1.83 4.71
C GLY A 17 -9.30 2.61 5.21
N TYR A 18 -8.35 2.90 4.31
CA TYR A 18 -7.17 3.75 4.54
C TYR A 18 -6.78 4.55 3.30
N ARG A 19 -6.12 5.69 3.51
CA ARG A 19 -5.58 6.63 2.49
C ARG A 19 -4.24 6.13 1.94
N GLN A 20 -4.18 4.86 1.58
CA GLN A 20 -2.99 4.16 1.07
C GLN A 20 -2.53 4.67 -0.30
N GLY A 21 -1.23 4.53 -0.59
CA GLY A 21 -0.67 4.76 -1.92
C GLY A 21 0.84 5.05 -1.92
N LYS A 22 1.28 5.90 -0.98
CA LYS A 22 2.69 6.32 -0.87
C LYS A 22 3.59 5.24 -0.23
N CYS A 23 4.50 4.73 -1.05
CA CYS A 23 5.63 3.88 -0.63
C CYS A 23 6.86 4.75 -0.28
N TRP A 24 7.88 4.20 0.41
CA TRP A 24 9.03 4.96 0.94
C TRP A 24 10.37 4.22 0.89
N GLY A 25 10.54 3.29 -0.05
CA GLY A 25 11.72 2.42 -0.15
C GLY A 25 11.84 1.42 1.02
N LYS A 26 10.73 1.05 1.66
CA LYS A 26 10.69 0.16 2.85
C LYS A 26 9.43 -0.70 2.98
N TYR A 27 8.24 -0.16 2.73
CA TYR A 27 6.93 -0.83 2.87
C TYR A 27 5.84 0.03 2.22
N CYS A 28 4.81 -0.60 1.61
CA CYS A 28 3.62 0.09 1.14
C CYS A 28 2.73 0.55 2.31
N GLN A 29 3.03 1.75 2.83
CA GLN A 29 2.29 2.37 3.92
C GLN A 29 0.82 2.70 3.57
N CYS A 30 -0.06 2.45 4.55
CA CYS A 30 -1.47 2.83 4.54
C CYS A 30 -1.72 3.93 5.58
N TYR A 31 -2.64 4.87 5.34
CA TYR A 31 -2.78 6.11 6.16
C TYR A 31 -4.17 6.36 6.75
N GLY A 1 14.22 1.52 -4.00
CA GLY A 1 13.06 2.24 -4.56
C GLY A 1 11.82 1.91 -3.77
N MET A 2 10.73 1.52 -4.45
CA MET A 2 9.45 1.14 -3.83
C MET A 2 9.43 -0.31 -3.29
N ALA A 3 10.06 -1.25 -4.01
CA ALA A 3 10.21 -2.67 -3.64
C ALA A 3 8.94 -3.37 -3.12
N CYS A 4 7.77 -3.05 -3.70
CA CYS A 4 6.43 -3.47 -3.26
C CYS A 4 5.43 -3.02 -4.33
N GLN A 5 4.55 -3.93 -4.77
CA GLN A 5 3.68 -3.76 -5.95
C GLN A 5 2.48 -2.80 -5.74
N PHE A 6 2.21 -1.98 -6.76
CA PHE A 6 1.23 -0.88 -6.73
C PHE A 6 -0.17 -1.32 -6.29
N TRP A 7 -0.74 -2.33 -6.96
CA TRP A 7 -2.14 -2.73 -6.84
C TRP A 7 -2.46 -3.37 -5.49
N SER A 8 -1.65 -4.33 -5.04
CA SER A 8 -1.90 -5.09 -3.83
C SER A 8 -1.76 -4.22 -2.57
N CYS A 9 -0.76 -3.34 -2.55
CA CYS A 9 -0.63 -2.36 -1.47
C CYS A 9 -1.84 -1.39 -1.42
N ASN A 10 -2.35 -0.93 -2.58
CA ASN A 10 -3.52 -0.06 -2.61
C ASN A 10 -4.77 -0.81 -2.11
N SER A 11 -4.95 -2.06 -2.53
CA SER A 11 -6.10 -2.88 -2.15
C SER A 11 -6.06 -3.23 -0.65
N SER A 12 -4.88 -3.48 -0.08
CA SER A 12 -4.75 -3.74 1.36
C SER A 12 -5.13 -2.53 2.21
N CYS A 13 -4.70 -1.33 1.81
CA CYS A 13 -5.08 -0.08 2.50
C CYS A 13 -6.58 0.22 2.39
N ILE A 14 -7.18 0.02 1.20
CA ILE A 14 -8.64 0.11 0.98
C ILE A 14 -9.38 -0.94 1.83
N SER A 15 -8.84 -2.17 1.94
CA SER A 15 -9.41 -3.24 2.76
C SER A 15 -9.43 -2.91 4.26
N ARG A 16 -8.48 -2.10 4.76
CA ARG A 16 -8.52 -1.49 6.11
C ARG A 16 -9.63 -0.44 6.19
N GLY A 17 -9.55 0.57 5.29
CA GLY A 17 -10.42 1.75 5.28
C GLY A 17 -9.77 3.05 4.80
N TYR A 18 -8.52 3.03 4.32
CA TYR A 18 -7.82 4.21 3.78
C TYR A 18 -8.04 4.32 2.26
N ARG A 19 -8.23 5.54 1.73
CA ARG A 19 -8.50 5.73 0.29
C ARG A 19 -7.27 5.44 -0.59
N GLN A 20 -6.05 5.49 -0.05
CA GLN A 20 -4.80 5.28 -0.81
C GLN A 20 -3.77 4.45 -0.03
N GLY A 21 -2.89 3.75 -0.75
CA GLY A 21 -1.74 3.01 -0.20
C GLY A 21 -0.50 3.09 -1.10
N LYS A 22 0.69 3.29 -0.52
CA LYS A 22 1.96 3.48 -1.26
C LYS A 22 3.16 2.86 -0.52
N CYS A 23 4.06 2.27 -1.31
CA CYS A 23 5.28 1.59 -0.87
C CYS A 23 6.50 2.51 -0.84
N TRP A 24 7.54 2.12 -0.07
CA TRP A 24 8.74 2.95 0.18
C TRP A 24 10.03 2.12 0.39
N GLY A 25 9.98 0.80 0.20
CA GLY A 25 11.03 -0.15 0.61
C GLY A 25 11.04 -0.41 2.14
N LYS A 26 10.10 0.23 2.87
CA LYS A 26 10.02 0.32 4.34
C LYS A 26 8.77 -0.41 4.85
N TYR A 27 7.58 0.05 4.49
CA TYR A 27 6.27 -0.54 4.77
C TYR A 27 5.26 -0.06 3.71
N CYS A 28 4.19 -0.81 3.46
CA CYS A 28 3.05 -0.35 2.65
C CYS A 28 2.17 0.57 3.52
N GLN A 29 2.53 1.86 3.53
CA GLN A 29 1.85 2.94 4.25
C GLN A 29 0.49 3.30 3.61
N CYS A 30 -0.47 3.70 4.44
CA CYS A 30 -1.84 4.03 4.02
C CYS A 30 -2.24 5.49 4.33
N TYR A 31 -3.18 6.06 3.56
CA TYR A 31 -3.54 7.48 3.58
C TYR A 31 -5.03 7.74 3.36
N GLY A 1 10.56 -10.38 -5.68
CA GLY A 1 9.31 -10.98 -5.17
C GLY A 1 8.31 -9.89 -4.83
N MET A 2 7.51 -10.09 -3.78
CA MET A 2 6.61 -9.04 -3.29
C MET A 2 7.42 -7.81 -2.83
N ALA A 3 7.15 -6.66 -3.43
CA ALA A 3 7.91 -5.44 -3.32
C ALA A 3 7.01 -4.22 -3.52
N CYS A 4 6.03 -4.06 -2.61
CA CYS A 4 5.13 -2.90 -2.54
C CYS A 4 4.38 -2.59 -3.85
N GLN A 5 3.95 -3.62 -4.58
CA GLN A 5 3.23 -3.46 -5.85
C GLN A 5 1.83 -2.84 -5.65
N PHE A 6 1.41 -1.97 -6.59
CA PHE A 6 0.24 -1.11 -6.48
C PHE A 6 -1.05 -1.86 -6.12
N TRP A 7 -1.43 -2.86 -6.92
CA TRP A 7 -2.67 -3.64 -6.75
C TRP A 7 -2.77 -4.27 -5.35
N SER A 8 -1.65 -4.77 -4.85
CA SER A 8 -1.52 -5.39 -3.52
C SER A 8 -1.60 -4.36 -2.41
N CYS A 9 -0.89 -3.23 -2.52
CA CYS A 9 -0.99 -2.14 -1.56
C CYS A 9 -2.41 -1.55 -1.50
N ASN A 10 -3.05 -1.29 -2.65
CA ASN A 10 -4.45 -0.89 -2.72
C ASN A 10 -5.34 -1.90 -1.99
N SER A 11 -5.22 -3.20 -2.22
CA SER A 11 -6.07 -4.19 -1.53
C SER A 11 -5.83 -4.20 -0.01
N SER A 12 -4.58 -4.08 0.42
CA SER A 12 -4.22 -4.05 1.85
C SER A 12 -4.71 -2.78 2.56
N CYS A 13 -4.74 -1.63 1.87
CA CYS A 13 -5.29 -0.37 2.36
C CYS A 13 -6.85 -0.34 2.32
N ILE A 14 -7.45 -0.80 1.22
CA ILE A 14 -8.91 -0.78 0.99
C ILE A 14 -9.62 -1.83 1.87
N SER A 15 -8.93 -2.91 2.24
CA SER A 15 -9.40 -3.87 3.25
C SER A 15 -9.44 -3.30 4.67
N ARG A 16 -8.81 -2.13 4.92
CA ARG A 16 -8.87 -1.37 6.19
C ARG A 16 -9.86 -0.20 6.12
N GLY A 17 -9.63 0.74 5.20
CA GLY A 17 -10.37 2.01 5.15
C GLY A 17 -9.59 3.18 4.51
N TYR A 18 -8.77 2.90 3.49
CA TYR A 18 -7.97 3.89 2.75
C TYR A 18 -7.94 3.52 1.26
N ARG A 19 -7.86 4.51 0.36
CA ARG A 19 -7.90 4.34 -1.11
C ARG A 19 -6.51 4.31 -1.74
N GLN A 20 -5.51 4.88 -1.07
CA GLN A 20 -4.15 5.07 -1.56
C GLN A 20 -3.10 4.76 -0.49
N GLY A 21 -1.96 4.20 -0.91
CA GLY A 21 -0.75 4.05 -0.10
C GLY A 21 0.54 4.32 -0.88
N LYS A 22 1.59 4.74 -0.18
CA LYS A 22 2.92 5.01 -0.74
C LYS A 22 4.00 4.17 -0.07
N CYS A 23 4.91 3.65 -0.89
CA CYS A 23 6.11 2.92 -0.47
C CYS A 23 7.18 3.88 0.09
N TRP A 24 8.00 3.37 1.01
CA TRP A 24 9.14 4.10 1.59
C TRP A 24 10.42 3.27 1.76
N GLY A 25 10.45 2.05 1.22
CA GLY A 25 11.50 1.05 1.40
C GLY A 25 11.32 0.14 2.62
N LYS A 26 10.12 0.14 3.23
CA LYS A 26 9.78 -0.58 4.46
C LYS A 26 8.35 -1.14 4.52
N TYR A 27 7.35 -0.34 4.17
CA TYR A 27 5.92 -0.68 4.21
C TYR A 27 5.14 0.33 3.37
N CYS A 28 4.08 -0.11 2.70
CA CYS A 28 3.17 0.77 1.97
C CYS A 28 2.22 1.50 2.94
N GLN A 29 2.69 2.60 3.54
CA GLN A 29 1.87 3.48 4.38
C GLN A 29 0.59 3.93 3.64
N CYS A 30 -0.60 3.70 4.21
CA CYS A 30 -1.87 4.20 3.67
C CYS A 30 -2.13 5.66 4.12
N TYR A 31 -2.91 6.45 3.36
CA TYR A 31 -3.10 7.90 3.58
C TYR A 31 -4.54 8.39 3.70
N GLY A 1 12.97 -3.69 -11.30
CA GLY A 1 12.20 -4.81 -10.73
C GLY A 1 10.93 -4.29 -10.09
N MET A 2 10.63 -4.76 -8.89
CA MET A 2 9.48 -4.36 -8.08
C MET A 2 9.90 -4.18 -6.62
N ALA A 3 10.17 -2.94 -6.22
CA ALA A 3 10.52 -2.57 -4.85
C ALA A 3 9.31 -2.57 -3.89
N CYS A 4 8.10 -2.83 -4.40
CA CYS A 4 6.83 -2.85 -3.69
C CYS A 4 5.74 -3.47 -4.57
N GLN A 5 4.89 -4.30 -3.99
CA GLN A 5 3.65 -4.81 -4.61
C GLN A 5 2.49 -3.82 -4.45
N PHE A 6 2.57 -2.68 -5.16
CA PHE A 6 1.58 -1.59 -5.10
C PHE A 6 0.12 -2.07 -5.22
N TRP A 7 -0.18 -2.95 -6.18
CA TRP A 7 -1.52 -3.49 -6.45
C TRP A 7 -2.11 -4.26 -5.24
N SER A 8 -1.25 -4.96 -4.49
CA SER A 8 -1.56 -5.70 -3.26
C SER A 8 -1.77 -4.75 -2.08
N CYS A 9 -0.93 -3.70 -1.98
CA CYS A 9 -1.09 -2.62 -1.01
C CYS A 9 -2.45 -1.90 -1.19
N ASN A 10 -2.83 -1.53 -2.42
CA ASN A 10 -4.15 -0.99 -2.73
C ASN A 10 -5.29 -1.89 -2.23
N SER A 11 -5.25 -3.19 -2.56
CA SER A 11 -6.32 -4.12 -2.17
C SER A 11 -6.41 -4.32 -0.64
N SER A 12 -5.29 -4.23 0.07
CA SER A 12 -5.26 -4.26 1.54
C SER A 12 -5.80 -2.97 2.16
N CYS A 13 -5.22 -1.81 1.79
CA CYS A 13 -5.55 -0.51 2.38
C CYS A 13 -7.00 -0.09 2.08
N ILE A 14 -7.50 -0.31 0.87
CA ILE A 14 -8.89 0.01 0.52
C ILE A 14 -9.87 -0.95 1.23
N SER A 15 -9.50 -2.23 1.43
CA SER A 15 -10.28 -3.17 2.24
C SER A 15 -10.39 -2.74 3.71
N ARG A 16 -9.32 -2.17 4.31
CA ARG A 16 -9.36 -1.57 5.66
C ARG A 16 -10.01 -0.18 5.75
N GLY A 17 -10.01 0.59 4.66
CA GLY A 17 -10.78 1.85 4.52
C GLY A 17 -9.95 3.14 4.38
N TYR A 18 -8.74 3.07 3.84
CA TYR A 18 -7.83 4.21 3.63
C TYR A 18 -8.07 4.96 2.30
N ARG A 19 -7.29 6.03 2.03
CA ARG A 19 -7.46 6.98 0.91
C ARG A 19 -6.45 6.74 -0.23
N GLN A 20 -5.22 6.37 0.11
CA GLN A 20 -4.15 6.09 -0.84
C GLN A 20 -3.21 5.00 -0.31
N GLY A 21 -2.26 5.33 0.56
CA GLY A 21 -1.16 4.43 0.94
C GLY A 21 -0.08 4.37 -0.15
N LYS A 22 1.20 4.40 0.24
CA LYS A 22 2.34 4.52 -0.71
C LYS A 22 3.58 3.79 -0.19
N CYS A 23 4.38 3.26 -1.11
CA CYS A 23 5.57 2.46 -0.82
C CYS A 23 6.77 3.36 -0.45
N TRP A 24 7.02 3.60 0.84
CA TRP A 24 8.04 4.53 1.34
C TRP A 24 9.51 4.02 1.24
N GLY A 25 9.79 3.12 0.30
CA GLY A 25 11.09 2.43 0.17
C GLY A 25 11.38 1.43 1.30
N LYS A 26 10.40 1.14 2.17
CA LYS A 26 10.55 0.36 3.41
C LYS A 26 9.31 -0.50 3.69
N TYR A 27 8.11 0.09 3.68
CA TYR A 27 6.83 -0.58 3.79
C TYR A 27 5.73 0.33 3.22
N CYS A 28 4.73 -0.25 2.55
CA CYS A 28 3.58 0.49 2.02
C CYS A 28 2.56 0.79 3.13
N GLN A 29 2.88 1.78 3.96
CA GLN A 29 1.99 2.31 5.00
C GLN A 29 0.68 2.84 4.39
N CYS A 30 -0.47 2.35 4.86
CA CYS A 30 -1.78 2.87 4.46
C CYS A 30 -2.08 4.25 5.09
N TYR A 31 -2.62 5.19 4.30
CA TYR A 31 -3.05 6.53 4.72
C TYR A 31 -4.23 7.07 3.90
N GLY A 1 11.61 -4.67 -10.99
CA GLY A 1 10.55 -3.98 -10.23
C GLY A 1 11.11 -3.35 -8.97
N MET A 2 10.26 -3.14 -7.98
CA MET A 2 10.60 -2.62 -6.65
C MET A 2 10.02 -3.55 -5.57
N ALA A 3 10.73 -3.73 -4.46
CA ALA A 3 10.47 -4.76 -3.43
C ALA A 3 9.22 -4.56 -2.54
N CYS A 4 8.26 -3.75 -2.99
CA CYS A 4 7.02 -3.38 -2.30
C CYS A 4 5.84 -3.62 -3.25
N GLN A 5 4.95 -4.54 -2.87
CA GLN A 5 3.78 -4.98 -3.66
C GLN A 5 2.64 -3.93 -3.65
N PHE A 6 2.86 -2.81 -4.35
CA PHE A 6 1.93 -1.67 -4.38
C PHE A 6 0.50 -2.08 -4.80
N TRP A 7 0.35 -2.87 -5.87
CA TRP A 7 -0.96 -3.26 -6.44
C TRP A 7 -1.72 -4.27 -5.58
N SER A 8 -1.01 -5.03 -4.73
CA SER A 8 -1.61 -5.88 -3.67
C SER A 8 -2.03 -5.03 -2.47
N CYS A 9 -1.12 -4.17 -2.01
CA CYS A 9 -1.31 -3.34 -0.81
C CYS A 9 -2.40 -2.28 -0.97
N ASN A 10 -2.54 -1.65 -2.16
CA ASN A 10 -3.60 -0.70 -2.45
C ASN A 10 -4.98 -1.33 -2.23
N SER A 11 -5.27 -2.44 -2.92
CA SER A 11 -6.58 -3.10 -2.83
C SER A 11 -6.89 -3.55 -1.40
N SER A 12 -5.86 -4.02 -0.67
CA SER A 12 -5.99 -4.44 0.73
C SER A 12 -6.33 -3.26 1.67
N CYS A 13 -5.46 -2.25 1.73
CA CYS A 13 -5.62 -1.11 2.62
C CYS A 13 -6.86 -0.26 2.29
N ILE A 14 -7.15 -0.02 1.01
CA ILE A 14 -8.29 0.80 0.58
C ILE A 14 -9.62 0.10 0.90
N SER A 15 -9.70 -1.24 0.76
CA SER A 15 -10.89 -2.01 1.16
C SER A 15 -11.09 -2.07 2.68
N ARG A 16 -10.00 -2.11 3.48
CA ARG A 16 -10.06 -1.94 4.94
C ARG A 16 -10.62 -0.56 5.32
N GLY A 17 -10.16 0.50 4.65
CA GLY A 17 -10.67 1.87 4.80
C GLY A 17 -9.63 2.98 4.77
N TYR A 18 -8.36 2.67 4.51
CA TYR A 18 -7.30 3.68 4.37
C TYR A 18 -7.46 4.47 3.05
N ARG A 19 -6.88 5.67 3.00
CA ARG A 19 -7.00 6.63 1.89
C ARG A 19 -6.06 6.29 0.71
N GLN A 20 -4.99 5.54 0.97
CA GLN A 20 -4.05 5.04 -0.02
C GLN A 20 -3.20 3.90 0.58
N GLY A 21 -2.60 3.05 -0.26
CA GLY A 21 -1.62 2.03 0.11
C GLY A 21 -0.28 2.27 -0.60
N LYS A 22 0.33 3.43 -0.34
CA LYS A 22 1.58 3.91 -0.94
C LYS A 22 2.82 3.17 -0.41
N CYS A 23 3.78 2.89 -1.29
CA CYS A 23 5.13 2.43 -0.94
C CYS A 23 6.07 3.64 -0.75
N TRP A 24 6.96 3.58 0.24
CA TRP A 24 7.78 4.72 0.70
C TRP A 24 9.29 4.46 0.60
N GLY A 25 9.71 3.51 -0.25
CA GLY A 25 11.10 3.02 -0.29
C GLY A 25 11.50 2.15 0.91
N LYS A 26 10.60 1.97 1.89
CA LYS A 26 10.82 1.23 3.15
C LYS A 26 9.70 0.22 3.45
N TYR A 27 8.44 0.64 3.47
CA TYR A 27 7.25 -0.17 3.79
C TYR A 27 6.01 0.41 3.12
N CYS A 28 4.95 -0.39 2.98
CA CYS A 28 3.65 0.07 2.50
C CYS A 28 2.84 0.75 3.62
N GLN A 29 3.23 1.97 4.00
CA GLN A 29 2.55 2.75 5.05
C GLN A 29 1.26 3.40 4.50
N CYS A 30 0.10 2.85 4.89
CA CYS A 30 -1.21 3.22 4.36
C CYS A 30 -1.78 4.50 5.04
N TYR A 31 -2.41 5.37 4.23
CA TYR A 31 -2.82 6.73 4.63
C TYR A 31 -4.06 6.75 5.54
N GLY A 1 14.62 -6.88 -3.91
CA GLY A 1 14.04 -6.67 -5.24
C GLY A 1 13.29 -5.37 -5.27
N MET A 2 11.98 -5.45 -5.51
CA MET A 2 11.04 -4.33 -5.37
C MET A 2 9.75 -4.79 -4.68
N ALA A 3 9.31 -4.07 -3.65
CA ALA A 3 8.07 -4.33 -2.92
C ALA A 3 6.86 -3.55 -3.47
N CYS A 4 7.09 -2.56 -4.34
CA CYS A 4 6.11 -1.59 -4.84
C CYS A 4 5.04 -2.15 -5.81
N GLN A 5 4.62 -3.40 -5.67
CA GLN A 5 3.45 -3.93 -6.41
C GLN A 5 2.18 -3.24 -5.89
N PHE A 6 1.37 -2.72 -6.80
CA PHE A 6 0.27 -1.81 -6.48
C PHE A 6 -0.80 -2.42 -5.56
N TRP A 7 -1.40 -3.54 -5.96
CA TRP A 7 -2.52 -4.18 -5.24
C TRP A 7 -2.07 -4.84 -3.92
N SER A 8 -0.78 -5.10 -3.75
CA SER A 8 -0.19 -5.68 -2.53
C SER A 8 -0.27 -4.69 -1.36
N CYS A 9 -0.21 -3.39 -1.65
CA CYS A 9 -0.34 -2.33 -0.64
C CYS A 9 -1.66 -1.58 -0.76
N ASN A 10 -2.00 -1.07 -1.95
CA ASN A 10 -3.10 -0.14 -2.12
C ASN A 10 -4.48 -0.80 -1.96
N SER A 11 -4.73 -1.96 -2.61
CA SER A 11 -5.99 -2.70 -2.40
C SER A 11 -6.13 -3.20 -0.96
N SER A 12 -5.02 -3.60 -0.33
CA SER A 12 -4.99 -4.03 1.08
C SER A 12 -5.44 -2.92 2.03
N CYS A 13 -4.92 -1.71 1.86
CA CYS A 13 -5.32 -0.55 2.63
C CYS A 13 -6.74 -0.05 2.28
N ILE A 14 -7.15 -0.03 1.01
CA ILE A 14 -8.54 0.32 0.63
C ILE A 14 -9.55 -0.68 1.21
N SER A 15 -9.22 -1.98 1.26
CA SER A 15 -10.03 -3.03 1.91
C SER A 15 -10.17 -2.79 3.42
N ARG A 16 -9.10 -2.34 4.09
CA ARG A 16 -9.10 -1.94 5.52
C ARG A 16 -9.77 -0.59 5.79
N GLY A 17 -9.84 0.30 4.81
CA GLY A 17 -10.67 1.52 4.82
C GLY A 17 -9.98 2.81 4.38
N TYR A 18 -8.65 2.80 4.27
CA TYR A 18 -7.83 3.95 3.86
C TYR A 18 -8.17 4.45 2.45
N ARG A 19 -7.82 5.71 2.14
CA ARG A 19 -7.99 6.31 0.80
C ARG A 19 -7.05 5.68 -0.22
N GLN A 20 -5.81 5.39 0.21
CA GLN A 20 -4.69 4.99 -0.64
C GLN A 20 -3.60 4.29 0.19
N GLY A 21 -2.76 3.47 -0.45
CA GLY A 21 -1.51 2.91 0.09
C GLY A 21 -0.32 3.23 -0.85
N LYS A 22 0.89 3.36 -0.32
CA LYS A 22 2.11 3.74 -1.06
C LYS A 22 3.37 3.04 -0.48
N CYS A 23 4.30 2.63 -1.35
CA CYS A 23 5.63 2.17 -0.95
C CYS A 23 6.60 3.34 -0.70
N TRP A 24 7.59 3.11 0.18
CA TRP A 24 8.54 4.11 0.67
C TRP A 24 9.96 3.53 0.90
N GLY A 25 10.24 2.31 0.45
CA GLY A 25 11.48 1.59 0.74
C GLY A 25 11.58 1.02 2.16
N LYS A 26 10.47 1.04 2.92
CA LYS A 26 10.37 0.59 4.32
C LYS A 26 9.15 -0.30 4.58
N TYR A 27 7.93 0.16 4.27
CA TYR A 27 6.67 -0.57 4.38
C TYR A 27 5.54 0.19 3.67
N CYS A 28 4.38 -0.45 3.54
CA CYS A 28 3.16 0.13 2.99
C CYS A 28 2.56 1.22 3.90
N GLN A 29 2.95 2.48 3.71
CA GLN A 29 2.32 3.64 4.35
C GLN A 29 0.96 3.96 3.68
N CYS A 30 -0.07 4.28 4.48
CA CYS A 30 -1.45 4.47 4.00
C CYS A 30 -2.11 5.78 4.51
N TYR A 31 -3.15 6.23 3.81
CA TYR A 31 -3.76 7.57 3.93
C TYR A 31 -5.17 7.55 4.52
N GLY A 1 9.72 -2.62 -7.91
CA GLY A 1 10.32 -3.96 -7.74
C GLY A 1 9.77 -4.62 -6.48
N MET A 2 10.40 -5.72 -6.04
CA MET A 2 9.91 -6.56 -4.94
C MET A 2 9.74 -5.84 -3.59
N ALA A 3 10.38 -4.67 -3.39
CA ALA A 3 10.20 -3.86 -2.20
C ALA A 3 8.78 -3.27 -2.08
N CYS A 4 8.08 -3.04 -3.19
CA CYS A 4 6.83 -2.30 -3.25
C CYS A 4 5.77 -3.04 -4.09
N GLN A 5 5.08 -4.01 -3.48
CA GLN A 5 3.93 -4.73 -4.07
C GLN A 5 2.65 -3.87 -4.00
N PHE A 6 2.66 -2.78 -4.76
CA PHE A 6 1.65 -1.72 -4.70
C PHE A 6 0.21 -2.21 -4.90
N TRP A 7 -0.03 -3.07 -5.89
CA TRP A 7 -1.39 -3.45 -6.31
C TRP A 7 -2.08 -4.31 -5.25
N SER A 8 -1.33 -5.18 -4.58
CA SER A 8 -1.79 -6.01 -3.46
C SER A 8 -1.99 -5.15 -2.21
N CYS A 9 -0.99 -4.34 -1.85
CA CYS A 9 -1.03 -3.42 -0.72
C CYS A 9 -2.25 -2.48 -0.78
N ASN A 10 -2.48 -1.82 -1.92
CA ASN A 10 -3.56 -0.84 -2.02
C ASN A 10 -4.94 -1.51 -2.03
N SER A 11 -5.06 -2.69 -2.64
CA SER A 11 -6.29 -3.51 -2.58
C SER A 11 -6.65 -3.91 -1.14
N SER A 12 -5.63 -4.26 -0.34
CA SER A 12 -5.78 -4.52 1.09
C SER A 12 -6.21 -3.27 1.88
N CYS A 13 -5.57 -2.13 1.60
CA CYS A 13 -5.87 -0.86 2.28
C CYS A 13 -7.27 -0.30 1.94
N ILE A 14 -7.70 -0.34 0.67
CA ILE A 14 -9.06 0.01 0.24
C ILE A 14 -10.10 -0.81 1.01
N SER A 15 -9.90 -2.14 1.06
CA SER A 15 -10.82 -3.08 1.72
C SER A 15 -10.77 -3.06 3.26
N ARG A 16 -9.82 -2.35 3.88
CA ARG A 16 -9.81 -2.07 5.34
C ARG A 16 -10.48 -0.73 5.66
N GLY A 17 -10.10 0.34 4.95
CA GLY A 17 -10.70 1.67 5.11
C GLY A 17 -9.79 2.89 4.95
N TYR A 18 -8.58 2.74 4.39
CA TYR A 18 -7.71 3.88 4.09
C TYR A 18 -8.19 4.64 2.82
N ARG A 19 -7.61 5.82 2.53
CA ARG A 19 -7.86 6.63 1.32
C ARG A 19 -6.68 6.64 0.33
N GLN A 20 -5.44 6.45 0.79
CA GLN A 20 -4.24 6.42 -0.06
C GLN A 20 -3.20 5.42 0.45
N GLY A 21 -2.55 4.69 -0.46
CA GLY A 21 -1.36 3.87 -0.22
C GLY A 21 -0.14 4.45 -0.93
N LYS A 22 1.03 4.44 -0.27
CA LYS A 22 2.33 4.91 -0.80
C LYS A 22 3.47 4.04 -0.25
N CYS A 23 4.25 3.43 -1.14
CA CYS A 23 5.47 2.74 -0.75
C CYS A 23 6.70 3.65 -0.84
N TRP A 24 7.46 3.73 0.25
CA TRP A 24 8.66 4.58 0.40
C TRP A 24 9.97 3.77 0.41
N GLY A 25 9.97 2.54 -0.14
CA GLY A 25 11.08 1.57 -0.01
C GLY A 25 11.26 0.97 1.39
N LYS A 26 10.72 1.62 2.43
CA LYS A 26 10.62 1.13 3.81
C LYS A 26 9.54 0.06 4.00
N TYR A 27 8.31 0.38 3.58
CA TYR A 27 7.09 -0.41 3.68
C TYR A 27 6.03 0.25 2.79
N CYS A 28 4.99 -0.47 2.39
CA CYS A 28 3.83 0.12 1.75
C CYS A 28 2.89 0.70 2.82
N GLN A 29 3.16 1.96 3.20
CA GLN A 29 2.35 2.74 4.13
C GLN A 29 0.98 3.10 3.54
N CYS A 30 -0.04 3.23 4.40
CA CYS A 30 -1.39 3.64 4.02
C CYS A 30 -1.97 4.69 5.00
N TYR A 31 -2.88 5.52 4.47
CA TYR A 31 -3.44 6.72 5.11
C TYR A 31 -4.94 6.88 4.85
#